data_3KBL
#
_entry.id   3KBL
#
_cell.length_a   34.406
_cell.length_b   42.300
_cell.length_c   156.144
_cell.angle_alpha   90.000
_cell.angle_beta   90.000
_cell.angle_gamma   90.000
#
_symmetry.space_group_name_H-M   'P 21 21 21'
#
loop_
_entity.id
_entity.type
_entity.pdbx_description
1 polymer 'Female germline-specific tumor suppressor gld-1'
2 water water
#
_entity_poly.entity_id   1
_entity_poly.type   'polypeptide(L)'
_entity_poly.pdbx_seq_one_letter_code
;GSHEATVEYLADLVKEKKHLTLFPHMFSAVERLLDDEIGRVRVALFQTEFPRVELPEPAG
;
_entity_poly.pdbx_strand_id   A,B,C,D
#
# COMPACT_ATOMS: atom_id res chain seq x y z
N SER A 2 5.28 -17.16 -8.02
CA SER A 2 6.12 -16.10 -8.57
C SER A 2 5.38 -15.33 -9.66
N HIS A 3 5.41 -13.99 -9.55
CA HIS A 3 4.66 -13.13 -10.46
C HIS A 3 4.95 -13.38 -11.94
N GLU A 4 3.92 -13.23 -12.77
CA GLU A 4 4.06 -13.34 -14.23
C GLU A 4 5.10 -12.34 -14.76
N ALA A 5 5.93 -12.78 -15.70
CA ALA A 5 6.95 -11.92 -16.28
C ALA A 5 6.44 -11.13 -17.50
N THR A 6 6.28 -9.83 -17.34
CA THR A 6 5.86 -8.95 -18.44
C THR A 6 6.60 -7.63 -18.37
N VAL A 7 6.46 -6.88 -19.45
CA VAL A 7 7.19 -5.63 -19.56
C VAL A 7 6.72 -4.65 -18.52
N GLU A 8 5.41 -4.61 -18.27
CA GLU A 8 4.84 -3.68 -17.32
C GLU A 8 5.33 -3.99 -15.90
N TYR A 9 5.34 -5.27 -15.56
CA TYR A 9 5.85 -5.68 -14.27
C TYR A 9 7.32 -5.24 -14.13
N LEU A 10 8.15 -5.57 -15.11
CA LEU A 10 9.54 -5.16 -15.07
C LEU A 10 9.65 -3.65 -14.86
N ALA A 11 8.74 -2.92 -15.48
CA ALA A 11 8.76 -1.47 -15.41
C ALA A 11 8.43 -1.03 -13.99
N ASP A 12 7.46 -1.70 -13.38
CA ASP A 12 7.09 -1.36 -12.00
C ASP A 12 8.27 -1.66 -11.07
N LEU A 13 8.88 -2.82 -11.22
CA LEU A 13 10.07 -3.20 -10.45
C LEU A 13 11.18 -2.13 -10.47
N VAL A 14 11.51 -1.70 -11.67
CA VAL A 14 12.55 -0.70 -11.89
C VAL A 14 12.21 0.65 -11.25
N LYS A 15 10.94 1.05 -11.33
CA LYS A 15 10.51 2.29 -10.71
C LYS A 15 10.63 2.17 -9.19
N GLU A 16 10.14 1.05 -8.66
CA GLU A 16 10.22 0.81 -7.22
C GLU A 16 11.69 0.83 -6.75
N LYS A 17 12.59 0.24 -7.54
CA LYS A 17 14.01 0.24 -7.18
C LYS A 17 14.54 1.68 -7.12
N LYS A 18 14.17 2.49 -8.10
CA LYS A 18 14.59 3.88 -8.15
C LYS A 18 14.09 4.64 -6.92
N HIS A 19 12.86 4.38 -6.51
CA HIS A 19 12.32 5.07 -5.34
C HIS A 19 13.10 4.68 -4.10
N LEU A 20 13.48 3.41 -4.01
CA LEU A 20 14.19 2.91 -2.86
C LEU A 20 15.56 3.56 -2.70
N THR A 21 16.09 4.16 -3.75
CA THR A 21 17.37 4.85 -3.60
C THR A 21 17.24 6.10 -2.71
N LEU A 22 16.01 6.56 -2.47
CA LEU A 22 15.80 7.68 -1.55
C LEU A 22 16.12 7.28 -0.11
N PHE A 23 16.27 5.98 0.11
CA PHE A 23 16.51 5.43 1.45
C PHE A 23 17.78 4.59 1.56
N PRO A 24 18.95 5.23 1.38
CA PRO A 24 20.24 4.53 1.34
C PRO A 24 20.50 3.74 2.61
N HIS A 25 20.83 2.46 2.46
CA HIS A 25 21.21 1.60 3.58
C HIS A 25 20.08 1.31 4.56
N MET A 26 18.85 1.56 4.14
CA MET A 26 17.74 1.42 5.06
C MET A 26 16.89 0.17 4.82
N PHE A 27 16.99 -0.39 3.61
CA PHE A 27 16.15 -1.52 3.20
C PHE A 27 16.96 -2.52 2.41
N SER A 28 18.06 -3.01 2.96
CA SER A 28 18.95 -3.77 2.10
C SER A 28 18.50 -5.22 1.84
N ALA A 29 17.72 -5.83 2.73
CA ALA A 29 17.11 -7.14 2.46
C ALA A 29 16.21 -7.04 1.22
N VAL A 30 15.35 -6.03 1.24
CA VAL A 30 14.49 -5.67 0.12
C VAL A 30 15.25 -5.35 -1.18
N GLU A 31 16.40 -4.69 -1.09
CA GLU A 31 17.21 -4.39 -2.29
C GLU A 31 17.67 -5.67 -2.96
N ARG A 32 18.03 -6.65 -2.16
CA ARG A 32 18.53 -7.90 -2.70
C ARG A 32 17.37 -8.65 -3.37
N LEU A 33 16.20 -8.63 -2.75
CA LEU A 33 15.04 -9.33 -3.30
C LEU A 33 14.62 -8.69 -4.61
N LEU A 34 14.70 -7.37 -4.67
CA LEU A 34 14.17 -6.62 -5.80
C LEU A 34 15.09 -6.83 -6.97
N ASP A 35 16.39 -6.76 -6.73
CA ASP A 35 17.39 -7.08 -7.76
C ASP A 35 17.30 -8.51 -8.25
N ASP A 36 17.02 -9.45 -7.35
CA ASP A 36 16.83 -10.84 -7.77
C ASP A 36 15.61 -10.98 -8.70
N GLU A 37 14.49 -10.36 -8.34
CA GLU A 37 13.26 -10.49 -9.11
C GLU A 37 13.37 -9.78 -10.48
N ILE A 38 14.07 -8.67 -10.51
CA ILE A 38 14.36 -7.98 -11.76
C ILE A 38 15.16 -8.88 -12.70
N GLY A 39 16.21 -9.50 -12.18
CA GLY A 39 17.02 -10.40 -12.96
C GLY A 39 16.21 -11.58 -13.47
N ARG A 40 15.37 -12.14 -12.61
CA ARG A 40 14.58 -13.30 -12.97
C ARG A 40 13.60 -12.93 -14.08
N VAL A 41 13.07 -11.72 -14.00
CA VAL A 41 12.08 -11.28 -14.97
C VAL A 41 12.72 -10.97 -16.33
N ARG A 42 13.91 -10.36 -16.31
CA ARG A 42 14.64 -10.09 -17.53
C ARG A 42 14.95 -11.41 -18.24
N VAL A 43 15.37 -12.40 -17.47
CA VAL A 43 15.69 -13.71 -18.00
C VAL A 43 14.44 -14.37 -18.58
N ALA A 44 13.31 -14.21 -17.90
CA ALA A 44 12.05 -14.79 -18.37
C ALA A 44 11.60 -14.19 -19.70
N LEU A 45 11.75 -12.87 -19.85
CA LEU A 45 11.39 -12.19 -21.08
C LEU A 45 12.35 -12.56 -22.20
N PHE A 46 13.62 -12.68 -21.85
CA PHE A 46 14.60 -13.14 -22.81
C PHE A 46 14.33 -14.58 -23.28
N GLN A 47 14.03 -15.48 -22.35
CA GLN A 47 13.78 -16.88 -22.73
C GLN A 47 12.53 -17.00 -23.55
N THR A 48 11.59 -16.06 -23.39
CA THR A 48 10.37 -16.11 -24.19
C THR A 48 10.58 -15.63 -25.64
N GLU A 49 11.43 -14.61 -25.85
CA GLU A 49 11.86 -14.23 -27.20
C GLU A 49 12.65 -15.39 -27.81
N PHE A 50 13.58 -15.93 -27.03
CA PHE A 50 14.51 -16.93 -27.54
C PHE A 50 14.38 -18.25 -26.76
N PRO A 51 13.34 -19.03 -27.06
CA PRO A 51 12.96 -20.28 -26.38
C PRO A 51 14.03 -21.37 -26.41
N ARG A 52 14.93 -21.35 -27.39
CA ARG A 52 15.94 -22.41 -27.53
C ARG A 52 17.24 -22.05 -26.81
N VAL A 53 17.26 -20.85 -26.25
CA VAL A 53 18.35 -20.42 -25.42
C VAL A 53 17.92 -20.61 -23.97
N GLU A 54 18.76 -21.30 -23.19
CA GLU A 54 18.56 -21.37 -21.74
C GLU A 54 19.79 -20.84 -21.01
N LEU A 55 19.54 -20.02 -19.97
CA LEU A 55 20.61 -19.43 -19.20
C LEU A 55 20.63 -19.98 -17.77
N SER B 2 18.69 -18.48 -3.07
CA SER B 2 18.03 -17.57 -2.14
C SER B 2 18.71 -17.55 -0.76
N HIS B 3 18.56 -16.43 -0.06
CA HIS B 3 19.18 -16.21 1.25
C HIS B 3 18.92 -17.36 2.23
N GLU B 4 19.90 -17.65 3.07
CA GLU B 4 19.75 -18.68 4.09
C GLU B 4 18.62 -18.29 5.05
N ALA B 5 17.88 -19.27 5.52
CA ALA B 5 16.81 -19.03 6.47
C ALA B 5 17.34 -19.03 7.90
N THR B 6 17.25 -17.88 8.57
CA THR B 6 17.63 -17.76 9.96
C THR B 6 16.70 -16.77 10.61
N VAL B 7 16.62 -16.84 11.93
CA VAL B 7 15.68 -15.99 12.65
C VAL B 7 16.07 -14.53 12.51
N GLU B 8 17.37 -14.29 12.38
CA GLU B 8 17.89 -12.94 12.22
C GLU B 8 17.38 -12.34 10.90
N TYR B 9 17.53 -13.08 9.81
CA TYR B 9 17.02 -12.65 8.51
C TYR B 9 15.51 -12.39 8.58
N LEU B 10 14.79 -13.35 9.16
CA LEU B 10 13.35 -13.20 9.33
C LEU B 10 13.00 -11.87 9.99
N ALA B 11 13.79 -11.53 11.01
CA ALA B 11 13.55 -10.32 11.79
C ALA B 11 13.77 -9.06 10.95
N ASP B 12 14.87 -9.02 10.19
CA ASP B 12 15.08 -7.95 9.22
C ASP B 12 13.88 -7.84 8.27
N LEU B 13 13.49 -8.97 7.67
CA LEU B 13 12.40 -8.95 6.71
C LEU B 13 11.14 -8.36 7.33
N VAL B 14 10.81 -8.82 8.53
CA VAL B 14 9.62 -8.31 9.20
C VAL B 14 9.70 -6.81 9.53
N LYS B 15 10.88 -6.37 10.00
CA LYS B 15 11.12 -4.95 10.25
C LYS B 15 11.05 -4.08 8.97
N GLU B 16 11.68 -4.53 7.89
CA GLU B 16 11.62 -3.80 6.62
C GLU B 16 10.18 -3.74 6.09
N LYS B 17 9.42 -4.81 6.26
CA LYS B 17 7.99 -4.84 5.90
C LYS B 17 7.15 -3.83 6.71
N LYS B 18 7.36 -3.79 8.03
CA LYS B 18 6.76 -2.76 8.87
C LYS B 18 6.97 -1.36 8.26
N HIS B 19 8.22 -1.02 8.00
CA HIS B 19 8.56 0.33 7.53
C HIS B 19 7.82 0.73 6.27
N LEU B 20 7.75 -0.19 5.30
CA LEU B 20 7.11 0.09 4.02
C LEU B 20 5.60 0.30 4.14
N THR B 21 4.98 -0.34 5.12
CA THR B 21 3.55 -0.13 5.32
C THR B 21 3.24 1.32 5.68
N LEU B 22 4.25 2.08 6.07
CA LEU B 22 4.07 3.52 6.31
C LEU B 22 3.80 4.30 5.01
N PHE B 23 4.02 3.67 3.86
CA PHE B 23 3.71 4.28 2.56
C PHE B 23 2.79 3.36 1.77
N PRO B 24 1.49 3.45 2.04
CA PRO B 24 0.47 2.55 1.48
C PRO B 24 0.63 2.31 -0.03
N HIS B 25 1.01 1.10 -0.41
CA HIS B 25 0.98 0.66 -1.81
C HIS B 25 1.86 1.48 -2.74
N MET B 26 2.92 2.04 -2.18
CA MET B 26 3.93 2.80 -2.91
C MET B 26 5.01 1.83 -3.42
N PHE B 27 5.15 0.70 -2.72
CA PHE B 27 6.05 -0.37 -3.14
C PHE B 27 5.28 -1.67 -3.15
N SER B 28 4.29 -1.74 -4.02
CA SER B 28 3.39 -2.88 -4.07
C SER B 28 4.11 -4.14 -4.49
N ALA B 29 4.96 -4.04 -5.51
CA ALA B 29 5.71 -5.23 -5.97
C ALA B 29 6.63 -5.74 -4.86
N VAL B 30 7.40 -4.81 -4.29
CA VAL B 30 8.27 -5.07 -3.15
C VAL B 30 7.55 -5.71 -1.96
N GLU B 31 6.31 -5.30 -1.71
CA GLU B 31 5.55 -5.86 -0.60
C GLU B 31 5.23 -7.34 -0.85
N ARG B 32 4.84 -7.68 -2.07
CA ARG B 32 4.57 -9.08 -2.43
C ARG B 32 5.83 -9.94 -2.30
N LEU B 33 6.94 -9.46 -2.86
CA LEU B 33 8.23 -10.14 -2.71
C LEU B 33 8.53 -10.39 -1.24
N LEU B 34 8.39 -9.35 -0.43
CA LEU B 34 8.74 -9.47 0.99
C LEU B 34 7.86 -10.49 1.67
N ASP B 35 6.54 -10.41 1.43
CA ASP B 35 5.59 -11.36 2.02
C ASP B 35 5.89 -12.80 1.62
N ASP B 36 6.16 -13.00 0.34
CA ASP B 36 6.60 -14.29 -0.17
C ASP B 36 7.86 -14.78 0.53
N GLU B 37 8.81 -13.89 0.75
CA GLU B 37 10.08 -14.34 1.28
C GLU B 37 9.95 -14.62 2.78
N ILE B 38 9.14 -13.83 3.47
CA ILE B 38 8.84 -14.08 4.88
C ILE B 38 8.20 -15.47 5.03
N GLY B 39 7.19 -15.75 4.22
CA GLY B 39 6.52 -17.04 4.23
C GLY B 39 7.48 -18.19 3.95
N ARG B 40 8.35 -17.99 2.96
CA ARG B 40 9.36 -18.98 2.61
C ARG B 40 10.32 -19.21 3.77
N VAL B 41 10.78 -18.13 4.41
CA VAL B 41 11.73 -18.28 5.50
C VAL B 41 11.10 -18.93 6.74
N ARG B 42 9.85 -18.57 7.05
CA ARG B 42 9.14 -19.18 8.17
C ARG B 42 9.02 -20.68 7.99
N VAL B 43 8.61 -21.11 6.81
CA VAL B 43 8.51 -22.54 6.54
C VAL B 43 9.87 -23.22 6.67
N ALA B 44 10.91 -22.63 6.10
CA ALA B 44 12.23 -23.22 6.14
C ALA B 44 12.75 -23.38 7.57
N LEU B 45 12.48 -22.39 8.41
CA LEU B 45 12.91 -22.40 9.80
C LEU B 45 12.46 -23.67 10.55
N PHE B 46 11.27 -24.17 10.24
CA PHE B 46 10.69 -25.26 11.00
C PHE B 46 10.69 -26.60 10.27
N GLN B 47 11.45 -26.70 9.18
CA GLN B 47 11.53 -27.96 8.43
C GLN B 47 12.97 -28.46 8.26
N SER C 2 -8.96 5.74 14.16
CA SER C 2 -9.01 7.06 13.52
C SER C 2 -7.68 7.80 13.61
N HIS C 3 -7.34 8.50 12.53
CA HIS C 3 -6.07 9.19 12.42
C HIS C 3 -6.01 10.43 13.34
N GLU C 4 -4.79 10.83 13.71
CA GLU C 4 -4.59 11.92 14.64
C GLU C 4 -4.86 13.28 13.98
N ALA C 5 -5.83 14.03 14.53
CA ALA C 5 -6.23 15.31 13.96
C ALA C 5 -5.18 16.40 14.11
N THR C 6 -4.58 16.81 12.99
CA THR C 6 -3.61 17.90 12.98
C THR C 6 -3.82 18.77 11.76
N VAL C 7 -3.19 19.94 11.78
CA VAL C 7 -3.32 20.89 10.68
C VAL C 7 -2.77 20.31 9.38
N GLU C 8 -1.59 19.70 9.48
CA GLU C 8 -0.93 19.06 8.34
C GLU C 8 -1.81 17.98 7.72
N TYR C 9 -2.29 17.07 8.56
CA TYR C 9 -3.21 16.03 8.13
C TYR C 9 -4.41 16.63 7.43
N LEU C 10 -4.97 17.68 8.01
CA LEU C 10 -6.10 18.33 7.39
C LEU C 10 -5.70 18.83 5.99
N ALA C 11 -4.51 19.41 5.90
CA ALA C 11 -4.06 19.99 4.64
C ALA C 11 -3.82 18.92 3.58
N ASP C 12 -3.50 17.70 4.02
CA ASP C 12 -3.32 16.60 3.09
C ASP C 12 -4.68 16.12 2.57
N LEU C 13 -5.66 15.98 3.46
CA LEU C 13 -7.00 15.59 3.06
C LEU C 13 -7.56 16.51 1.97
N VAL C 14 -7.43 17.81 2.21
CA VAL C 14 -7.96 18.82 1.29
C VAL C 14 -7.24 18.72 -0.06
N LYS C 15 -5.92 18.58 0.00
CA LYS C 15 -5.10 18.30 -1.18
C LYS C 15 -5.62 17.06 -1.94
N GLU C 16 -5.86 15.97 -1.21
CA GLU C 16 -6.27 14.73 -1.87
C GLU C 16 -7.67 14.84 -2.45
N LYS C 17 -8.51 15.67 -1.82
CA LYS C 17 -9.85 15.95 -2.32
C LYS C 17 -9.75 16.70 -3.64
N LYS C 18 -8.82 17.63 -3.73
CA LYS C 18 -8.63 18.38 -4.96
C LYS C 18 -8.20 17.43 -6.07
N HIS C 19 -7.23 16.58 -5.78
CA HIS C 19 -6.80 15.57 -6.74
C HIS C 19 -7.96 14.72 -7.23
N LEU C 20 -8.87 14.34 -6.33
CA LEU C 20 -9.97 13.46 -6.69
C LEU C 20 -10.79 14.04 -7.83
N THR C 21 -10.78 15.36 -7.99
CA THR C 21 -11.61 16.00 -9.02
C THR C 21 -11.12 15.73 -10.44
N LEU C 22 -9.90 15.22 -10.59
CA LEU C 22 -9.45 14.78 -11.91
C LEU C 22 -10.21 13.54 -12.34
N PHE C 23 -10.93 12.92 -11.40
CA PHE C 23 -11.63 11.67 -11.71
C PHE C 23 -13.10 11.76 -11.36
N PRO C 24 -13.84 12.61 -12.09
CA PRO C 24 -15.26 12.87 -11.79
C PRO C 24 -16.11 11.62 -11.91
N HIS C 25 -17.01 11.38 -10.93
CA HIS C 25 -18.03 10.33 -11.07
C HIS C 25 -17.45 8.92 -10.93
N MET C 26 -16.19 8.82 -10.49
CA MET C 26 -15.52 7.53 -10.48
C MET C 26 -15.45 6.84 -9.13
N PHE C 27 -15.31 7.62 -8.05
CA PHE C 27 -15.02 7.08 -6.72
C PHE C 27 -15.94 7.66 -5.66
N SER C 28 -17.20 7.25 -5.69
CA SER C 28 -18.20 7.81 -4.78
C SER C 28 -17.96 7.46 -3.29
N ALA C 29 -17.55 6.23 -3.01
CA ALA C 29 -17.26 5.85 -1.64
C ALA C 29 -16.13 6.68 -1.06
N VAL C 30 -15.03 6.81 -1.80
CA VAL C 30 -13.91 7.65 -1.36
C VAL C 30 -14.31 9.11 -1.16
N GLU C 31 -15.08 9.67 -2.08
CA GLU C 31 -15.48 11.06 -1.90
C GLU C 31 -16.22 11.21 -0.56
N ARG C 32 -17.17 10.35 -0.29
CA ARG C 32 -17.95 10.42 0.95
C ARG C 32 -17.01 10.29 2.14
N LEU C 33 -16.19 9.25 2.14
CA LEU C 33 -15.26 9.00 3.25
C LEU C 33 -14.32 10.17 3.48
N LEU C 34 -13.87 10.78 2.39
CA LEU C 34 -12.91 11.86 2.50
C LEU C 34 -13.64 13.07 3.03
N ASP C 35 -14.88 13.27 2.61
CA ASP C 35 -15.67 14.40 3.12
C ASP C 35 -15.97 14.24 4.61
N ASP C 36 -16.33 13.03 5.02
CA ASP C 36 -16.57 12.76 6.44
C ASP C 36 -15.31 12.95 7.26
N GLU C 37 -14.18 12.45 6.79
CA GLU C 37 -12.93 12.62 7.54
C GLU C 37 -12.55 14.10 7.68
N ILE C 38 -12.70 14.88 6.61
CA ILE C 38 -12.35 16.28 6.64
C ILE C 38 -13.22 16.99 7.68
N GLY C 39 -14.51 16.67 7.69
CA GLY C 39 -15.45 17.23 8.65
C GLY C 39 -15.06 16.88 10.08
N ARG C 40 -14.67 15.63 10.29
CA ARG C 40 -14.26 15.14 11.62
C ARG C 40 -13.02 15.87 12.13
N VAL C 41 -12.00 15.96 11.29
CA VAL C 41 -10.76 16.59 11.65
C VAL C 41 -10.97 18.10 11.91
N ARG C 42 -11.81 18.73 11.11
CA ARG C 42 -12.13 20.14 11.35
C ARG C 42 -12.74 20.35 12.72
N VAL C 43 -13.70 19.50 13.05
CA VAL C 43 -14.37 19.54 14.33
C VAL C 43 -13.42 19.26 15.50
N ALA C 44 -12.57 18.26 15.35
CA ALA C 44 -11.62 17.93 16.42
C ALA C 44 -10.61 19.06 16.69
N LEU C 45 -10.06 19.63 15.63
CA LEU C 45 -9.20 20.82 15.78
C LEU C 45 -9.91 21.96 16.52
N PHE C 46 -11.14 22.24 16.13
CA PHE C 46 -11.89 23.33 16.75
C PHE C 46 -12.14 23.00 18.23
N GLN C 47 -12.55 21.77 18.49
CA GLN C 47 -12.85 21.31 19.84
C GLN C 47 -11.64 21.45 20.80
N THR C 48 -10.44 21.06 20.37
CA THR C 48 -9.26 21.28 21.23
C THR C 48 -9.01 22.77 21.47
N GLU C 49 -9.27 23.60 20.46
CA GLU C 49 -9.10 25.05 20.62
C GLU C 49 -10.11 25.64 21.60
N PHE C 50 -11.31 25.07 21.59
CA PHE C 50 -12.43 25.56 22.36
C PHE C 50 -13.13 24.41 23.09
N PRO C 51 -12.52 23.92 24.19
CA PRO C 51 -12.94 22.72 24.92
C PRO C 51 -14.31 22.79 25.62
N ARG C 52 -14.80 24.01 25.90
CA ARG C 52 -16.03 24.13 26.68
C ARG C 52 -17.27 24.15 25.79
N VAL C 53 -17.05 24.19 24.48
CA VAL C 53 -18.13 24.18 23.49
C VAL C 53 -18.67 22.75 23.23
N GLU C 54 -19.97 22.56 23.47
CA GLU C 54 -20.60 21.27 23.25
C GLU C 54 -21.26 21.20 21.89
N LEU C 55 -20.80 20.24 21.08
CA LEU C 55 -21.28 20.07 19.72
C LEU C 55 -22.30 18.93 19.62
N SER D 2 -19.35 5.12 9.12
CA SER D 2 -20.71 5.01 9.62
C SER D 2 -21.73 4.64 8.53
N HIS D 3 -21.21 4.28 7.36
CA HIS D 3 -22.05 3.76 6.29
C HIS D 3 -22.45 2.33 6.64
N GLU D 4 -23.63 1.91 6.21
CA GLU D 4 -24.10 0.57 6.52
C GLU D 4 -23.13 -0.44 5.98
N ALA D 5 -22.89 -1.51 6.74
CA ALA D 5 -22.00 -2.56 6.33
C ALA D 5 -22.75 -3.60 5.51
N THR D 6 -22.46 -3.64 4.21
CA THR D 6 -23.07 -4.61 3.31
C THR D 6 -21.99 -5.21 2.42
N VAL D 7 -22.25 -6.40 1.88
CA VAL D 7 -21.30 -7.02 0.96
C VAL D 7 -21.03 -6.13 -0.25
N GLU D 8 -22.09 -5.48 -0.73
CA GLU D 8 -22.01 -4.63 -1.92
C GLU D 8 -21.11 -3.40 -1.68
N TYR D 9 -21.21 -2.83 -0.49
CA TYR D 9 -20.40 -1.67 -0.13
C TYR D 9 -18.94 -2.08 -0.05
N LEU D 10 -18.71 -3.27 0.53
CA LEU D 10 -17.37 -3.86 0.65
C LEU D 10 -16.74 -4.00 -0.71
N ALA D 11 -17.52 -4.44 -1.69
CA ALA D 11 -17.00 -4.65 -3.03
C ALA D 11 -16.68 -3.31 -3.66
N ASP D 12 -17.53 -2.32 -3.41
CA ASP D 12 -17.29 -1.01 -3.95
C ASP D 12 -15.99 -0.44 -3.35
N LEU D 13 -15.81 -0.57 -2.04
CA LEU D 13 -14.58 -0.15 -1.40
C LEU D 13 -13.35 -0.82 -2.05
N VAL D 14 -13.41 -2.14 -2.16
CA VAL D 14 -12.29 -2.93 -2.69
C VAL D 14 -11.98 -2.50 -4.12
N LYS D 15 -13.02 -2.27 -4.89
CA LYS D 15 -12.87 -1.83 -6.28
C LYS D 15 -12.22 -0.44 -6.35
N GLU D 16 -12.74 0.50 -5.58
CA GLU D 16 -12.19 1.84 -5.60
C GLU D 16 -10.73 1.77 -5.15
N LYS D 17 -10.44 0.88 -4.21
CA LYS D 17 -9.07 0.76 -3.73
C LYS D 17 -8.14 0.22 -4.82
N LYS D 18 -8.60 -0.79 -5.55
CA LYS D 18 -7.82 -1.35 -6.66
C LYS D 18 -7.33 -0.24 -7.61
N HIS D 19 -8.23 0.64 -7.99
CA HIS D 19 -7.88 1.72 -8.91
C HIS D 19 -6.97 2.79 -8.31
N LEU D 20 -7.25 3.19 -7.07
CA LEU D 20 -6.49 4.29 -6.46
C LEU D 20 -5.03 3.95 -6.12
N THR D 21 -4.76 2.68 -5.82
CA THR D 21 -3.40 2.28 -5.52
C THR D 21 -2.49 2.52 -6.71
N LEU D 22 -3.07 2.86 -7.86
CA LEU D 22 -2.25 3.19 -9.05
C LEU D 22 -1.58 4.55 -8.86
N PHE D 23 -2.01 5.30 -7.86
CA PHE D 23 -1.48 6.65 -7.65
C PHE D 23 -1.15 6.89 -6.17
N PRO D 24 -0.15 6.16 -5.65
CA PRO D 24 0.13 6.13 -4.21
C PRO D 24 0.64 7.49 -3.72
N HIS D 25 1.28 8.22 -4.62
CA HIS D 25 1.85 9.52 -4.33
C HIS D 25 0.76 10.57 -4.12
N MET D 26 -0.42 10.33 -4.70
CA MET D 26 -1.47 11.33 -4.65
C MET D 26 -2.57 11.02 -3.64
N PHE D 27 -2.75 9.74 -3.33
CA PHE D 27 -3.88 9.33 -2.51
C PHE D 27 -3.49 8.49 -1.30
N SER D 28 -2.36 8.82 -0.67
CA SER D 28 -1.89 7.99 0.43
C SER D 28 -2.81 8.07 1.65
N ALA D 29 -3.37 9.26 1.91
CA ALA D 29 -4.27 9.43 3.04
C ALA D 29 -5.56 8.67 2.78
N VAL D 30 -6.11 8.87 1.58
CA VAL D 30 -7.26 8.12 1.11
C VAL D 30 -7.08 6.59 1.16
N GLU D 31 -5.93 6.09 0.72
CA GLU D 31 -5.69 4.65 0.78
C GLU D 31 -5.82 4.14 2.20
N ARG D 32 -5.25 4.89 3.14
CA ARG D 32 -5.32 4.53 4.54
C ARG D 32 -6.78 4.58 5.05
N LEU D 33 -7.52 5.62 4.69
CA LEU D 33 -8.94 5.66 5.03
C LEU D 33 -9.64 4.41 4.47
N LEU D 34 -9.25 4.04 3.25
CA LEU D 34 -9.93 2.98 2.53
C LEU D 34 -9.63 1.68 3.25
N ASP D 35 -8.36 1.48 3.59
CA ASP D 35 -7.95 0.29 4.31
C ASP D 35 -8.71 0.17 5.62
N ASP D 36 -8.92 1.29 6.28
CA ASP D 36 -9.60 1.27 7.57
C ASP D 36 -11.09 1.01 7.42
N GLU D 37 -11.73 1.62 6.41
CA GLU D 37 -13.14 1.34 6.17
C GLU D 37 -13.37 -0.11 5.73
N ILE D 38 -12.42 -0.70 5.00
CA ILE D 38 -12.55 -2.10 4.56
C ILE D 38 -12.48 -3.05 5.76
N GLY D 39 -11.49 -2.85 6.62
CA GLY D 39 -11.36 -3.64 7.84
C GLY D 39 -12.58 -3.52 8.73
N ARG D 40 -13.05 -2.28 8.89
CA ARG D 40 -14.22 -2.01 9.71
C ARG D 40 -15.42 -2.75 9.15
N VAL D 41 -15.60 -2.70 7.84
CA VAL D 41 -16.79 -3.30 7.25
C VAL D 41 -16.74 -4.83 7.27
N ARG D 42 -15.56 -5.41 7.03
CA ARG D 42 -15.42 -6.87 7.09
C ARG D 42 -15.75 -7.38 8.49
N VAL D 43 -15.21 -6.71 9.51
CA VAL D 43 -15.55 -7.02 10.89
C VAL D 43 -17.06 -6.87 11.12
N ALA D 44 -17.61 -5.70 10.82
CA ALA D 44 -19.03 -5.47 11.05
C ALA D 44 -19.95 -6.50 10.38
N LEU D 45 -19.64 -6.91 9.15
CA LEU D 45 -20.50 -7.86 8.44
C LEU D 45 -20.77 -9.10 9.29
N PHE D 46 -19.85 -9.42 10.19
CA PHE D 46 -20.00 -10.63 11.00
C PHE D 46 -20.34 -10.34 12.46
N GLN D 47 -20.72 -9.10 12.76
CA GLN D 47 -21.07 -8.72 14.13
C GLN D 47 -22.35 -7.88 14.16
#